data_3U7V
#
_entry.id   3U7V
#
_cell.length_a   148.306
_cell.length_b   148.306
_cell.length_c   53.792
_cell.angle_alpha   90.000
_cell.angle_beta   90.000
_cell.angle_gamma   90.000
#
_symmetry.space_group_name_H-M   'I 4'
#
loop_
_entity.id
_entity.type
_entity.pdbx_description
1 polymer Beta-galactosidase
2 non-polymer 'ACETIC ACID'
3 water water
#
_entity_poly.entity_id   1
_entity_poly.type   'polypeptide(L)'
_entity_poly.pdbx_seq_one_letter_code
;SNA(MSE)EEA(MSE)G(MSE)SRFATAVGLALALVCGPLASGAHAADAA(MSE)PQLVTKDGRHAL(MSE)VDGAPFL
(MSE)LAAQVNNSSAWPSQ(MSE)AKVWPAIEKVGANTVQVPIAWEQIEPVEGQFDFSYLDLLLEQARERKVRLVLLWFG
TWKNSSPSYAPEWVKLDDKRFPRLIKDDGERSYS(MSE)SPLAKSTLDADRKAFVAL(MSE)THLKAKDAAQKTVI
(MSE)VQVENETGTYGSVRDFGPAAQKVFNGPAPATLVKAVGAKPGTWSQAFGKDADEFFHAWHIGRFVDQVAAGGKAVY
PLP(MSE)YVNAALRDPIKPGDPKTYSAGGPTDNVIGVWQAAAPSIDLIAPDIY(MSE)KESVKYEAVLGHYARPNNALF
VAETGNDPAYARYVFSTLGKQGIGWSPFG(MSE)DYTGYGNYPLGAAKVDEALIEVFAANYRLLAP(MSE)ARELARLSF
EGKVWGGAEPDDRAAQTTT(MSE)GDWTVSLRYGKWQFGASDWTWLKDRPPGPQGPEGGGLVAQLSPNEFLVTGRNVRVE
FGRATADGKP(MSE)(MSE)(MSE)ARVEEGHFENGQWVFDRLWNGDQTDYGLNFTGGSQILRVKLATY
;
_entity_poly.pdbx_strand_id   A
#
loop_
_chem_comp.id
_chem_comp.type
_chem_comp.name
_chem_comp.formula
ACY non-polymer 'ACETIC ACID' 'C2 H4 O2'
#
# COMPACT_ATOMS: atom_id res chain seq x y z
N ASP A 36 -4.58 4.96 27.71
CA ASP A 36 -4.98 4.96 26.28
C ASP A 36 -4.07 3.99 25.55
N ALA A 37 -4.56 3.39 24.46
CA ALA A 37 -3.70 2.59 23.59
C ALA A 37 -2.51 3.45 23.15
N ALA A 38 -1.33 2.82 23.03
CA ALA A 38 -0.15 3.46 22.45
C ALA A 38 -0.44 4.04 21.07
N MSE A 39 0.12 5.20 20.80
CA MSE A 39 -0.12 5.85 19.52
C MSE A 39 0.58 5.01 18.44
O MSE A 39 1.76 4.70 18.57
CB MSE A 39 0.42 7.27 19.60
CG MSE A 39 0.35 8.04 18.33
SE MSE A 39 -1.49 8.65 17.95
CE MSE A 39 -1.89 9.52 19.62
N PRO A 40 -0.15 4.61 17.38
CA PRO A 40 0.54 4.00 16.21
C PRO A 40 1.70 4.84 15.70
N GLN A 41 2.77 4.18 15.26
CA GLN A 41 3.97 4.89 14.77
C GLN A 41 4.58 4.10 13.61
N LEU A 42 4.84 4.78 12.51
CA LEU A 42 5.69 4.24 11.46
C LEU A 42 7.13 4.42 11.86
N VAL A 43 7.87 3.31 11.93
CA VAL A 43 9.25 3.31 12.38
C VAL A 43 10.16 2.69 11.36
N THR A 44 11.43 3.03 11.46
CA THR A 44 12.48 2.53 10.56
C THR A 44 13.67 2.09 11.40
N LYS A 45 14.17 0.91 11.08
CA LYS A 45 15.34 0.35 11.73
C LYS A 45 16.21 -0.30 10.65
N ASP A 46 17.40 0.24 10.45
CA ASP A 46 18.38 -0.32 9.50
C ASP A 46 17.71 -0.54 8.14
N GLY A 47 16.95 0.46 7.65
CA GLY A 47 16.33 0.42 6.32
C GLY A 47 15.14 -0.52 6.20
N ARG A 48 14.65 -1.01 7.35
CA ARG A 48 13.45 -1.84 7.39
C ARG A 48 12.36 -1.13 8.17
N HIS A 49 11.12 -1.46 7.85
CA HIS A 49 9.99 -0.68 8.34
C HIS A 49 8.97 -1.49 9.03
N ALA A 50 8.25 -0.80 9.93
CA ALA A 50 7.09 -1.34 10.63
C ALA A 50 6.11 -0.23 10.99
N LEU A 51 4.84 -0.60 10.95
CA LEU A 51 3.82 0.17 11.61
C LEU A 51 3.56 -0.48 12.97
N MSE A 52 3.93 0.24 14.03
CA MSE A 52 3.70 -0.14 15.39
C MSE A 52 2.25 0.19 15.77
O MSE A 52 1.80 1.32 15.63
CB MSE A 52 4.64 0.60 16.34
CG MSE A 52 6.12 0.38 16.05
SE MSE A 52 6.66 -1.47 16.41
CE MSE A 52 8.63 -1.46 16.49
N VAL A 53 1.52 -0.85 16.16
CA VAL A 53 0.13 -0.73 16.59
C VAL A 53 0.07 -1.48 17.91
N ASP A 54 -0.40 -0.81 18.96
CA ASP A 54 -0.43 -1.44 20.29
C ASP A 54 0.98 -1.92 20.66
N GLY A 55 1.99 -1.15 20.24
CA GLY A 55 3.37 -1.41 20.61
C GLY A 55 4.09 -2.54 19.92
N ALA A 56 3.48 -3.13 18.88
CA ALA A 56 4.20 -4.11 18.07
C ALA A 56 3.93 -3.93 16.58
N PRO A 57 4.83 -4.49 15.75
CA PRO A 57 4.59 -4.40 14.33
C PRO A 57 3.25 -5.01 13.92
N PHE A 58 2.61 -4.39 12.92
CA PHE A 58 1.25 -4.70 12.43
C PHE A 58 1.29 -4.78 10.91
N LEU A 59 0.72 -5.81 10.31
CA LEU A 59 0.64 -5.89 8.85
C LEU A 59 -0.75 -5.47 8.47
N MSE A 60 -0.87 -4.54 7.56
CA MSE A 60 -2.21 -4.10 7.16
C MSE A 60 -2.62 -4.97 5.98
O MSE A 60 -2.15 -4.79 4.86
CB MSE A 60 -2.16 -2.63 6.77
CG MSE A 60 -1.93 -1.69 7.93
SE MSE A 60 -1.95 0.16 7.36
CE MSE A 60 -0.09 0.15 6.71
N LEU A 61 -3.47 -5.94 6.27
CA LEU A 61 -4.11 -6.75 5.27
C LEU A 61 -5.41 -6.00 5.06
N ALA A 62 -5.34 -5.02 4.16
CA ALA A 62 -6.44 -4.07 4.02
C ALA A 62 -7.33 -4.31 2.82
N ALA A 63 -8.44 -3.59 2.79
CA ALA A 63 -9.26 -3.49 1.61
C ALA A 63 -9.84 -2.11 1.60
N GLN A 64 -10.09 -1.58 0.41
CA GLN A 64 -10.74 -0.27 0.31
C GLN A 64 -12.14 -0.37 -0.29
N VAL A 65 -13.08 0.35 0.34
CA VAL A 65 -14.45 0.51 -0.17
C VAL A 65 -14.47 1.44 -1.38
N ASN A 66 -15.54 1.36 -2.18
CA ASN A 66 -15.68 2.23 -3.30
C ASN A 66 -15.85 3.70 -2.88
N ASN A 67 -15.59 4.59 -3.83
CA ASN A 67 -15.49 6.01 -3.55
C ASN A 67 -16.77 6.63 -3.02
N SER A 68 -17.92 6.03 -3.31
CA SER A 68 -19.23 6.57 -2.89
C SER A 68 -19.94 5.67 -1.85
N SER A 69 -19.15 4.91 -1.10
CA SER A 69 -19.67 3.97 -0.13
C SER A 69 -19.67 4.45 1.30
N ALA A 70 -19.07 5.61 1.56
CA ALA A 70 -18.88 6.07 2.94
C ALA A 70 -20.10 6.84 3.38
N TRP A 71 -21.24 6.14 3.42
CA TRP A 71 -22.52 6.71 3.85
C TRP A 71 -23.27 5.72 4.66
N PRO A 72 -24.08 6.19 5.62
CA PRO A 72 -24.78 5.16 6.40
C PRO A 72 -25.58 4.13 5.59
N SER A 73 -26.27 4.57 4.52
CA SER A 73 -27.10 3.70 3.72
C SER A 73 -26.34 2.58 3.03
N GLN A 74 -25.02 2.71 2.89
CA GLN A 74 -24.24 1.73 2.13
C GLN A 74 -23.57 0.71 3.03
N MSE A 75 -23.66 0.88 4.35
CA MSE A 75 -22.81 0.05 5.21
C MSE A 75 -23.28 -1.42 5.19
O MSE A 75 -22.46 -2.31 5.34
CB MSE A 75 -22.67 0.67 6.61
CG MSE A 75 -21.99 2.05 6.57
SE MSE A 75 -20.37 2.12 5.46
CE MSE A 75 -19.23 1.03 6.58
N ALA A 76 -24.57 -1.66 4.96
CA ALA A 76 -25.08 -3.03 4.82
C ALA A 76 -24.56 -3.76 3.60
N LYS A 77 -24.11 -3.01 2.59
CA LYS A 77 -23.43 -3.59 1.40
C LYS A 77 -21.91 -3.60 1.48
N VAL A 78 -21.35 -2.98 2.54
CA VAL A 78 -19.88 -2.93 2.73
C VAL A 78 -19.43 -4.03 3.68
N TRP A 79 -20.02 -4.06 4.88
CA TRP A 79 -19.56 -5.01 5.88
C TRP A 79 -19.57 -6.46 5.53
N PRO A 80 -20.57 -6.98 4.79
CA PRO A 80 -20.51 -8.38 4.36
C PRO A 80 -19.30 -8.73 3.47
N ALA A 81 -18.94 -7.78 2.63
CA ALA A 81 -17.79 -7.97 1.75
C ALA A 81 -16.50 -7.96 2.56
N ILE A 82 -16.41 -6.99 3.45
CA ILE A 82 -15.23 -6.83 4.29
C ILE A 82 -15.05 -8.03 5.21
N GLU A 83 -16.13 -8.51 5.79
CA GLU A 83 -16.07 -9.73 6.61
C GLU A 83 -15.63 -10.93 5.78
N LYS A 84 -16.25 -11.08 4.60
CA LYS A 84 -15.90 -12.16 3.65
C LYS A 84 -14.41 -12.11 3.30
N VAL A 85 -13.87 -10.94 2.98
CA VAL A 85 -12.47 -10.87 2.50
C VAL A 85 -11.48 -11.10 3.63
N GLY A 86 -11.91 -10.94 4.89
CA GLY A 86 -11.05 -11.23 6.05
C GLY A 86 -9.95 -10.19 6.33
N ALA A 87 -10.19 -8.96 5.86
CA ALA A 87 -9.28 -7.84 6.06
C ALA A 87 -9.16 -7.51 7.54
N ASN A 88 -7.96 -7.10 7.97
CA ASN A 88 -7.80 -6.67 9.37
C ASN A 88 -7.89 -5.16 9.47
N THR A 89 -7.94 -4.51 8.31
CA THR A 89 -7.93 -3.06 8.21
C THR A 89 -8.81 -2.68 7.01
N VAL A 90 -9.57 -1.62 7.17
CA VAL A 90 -10.39 -1.12 6.09
C VAL A 90 -10.06 0.35 5.81
N GLN A 91 -9.84 0.68 4.52
CA GLN A 91 -9.70 2.07 4.07
C GLN A 91 -11.06 2.65 3.65
N VAL A 92 -11.44 3.77 4.28
CA VAL A 92 -12.69 4.44 4.05
C VAL A 92 -12.45 5.96 3.84
N PRO A 93 -13.03 6.54 2.77
CA PRO A 93 -13.03 7.99 2.53
C PRO A 93 -13.71 8.78 3.62
N ILE A 94 -13.08 9.85 4.08
CA ILE A 94 -13.74 10.88 4.82
C ILE A 94 -13.65 12.14 3.91
N ALA A 95 -14.79 12.48 3.31
CA ALA A 95 -14.94 13.54 2.31
C ALA A 95 -15.09 14.88 3.01
N TRP A 96 -14.36 15.87 2.54
CA TRP A 96 -14.55 17.25 3.04
C TRP A 96 -16.00 17.69 2.88
N GLU A 97 -16.61 17.36 1.76
CA GLU A 97 -17.98 17.76 1.50
C GLU A 97 -18.95 17.16 2.52
N GLN A 98 -18.61 16.01 3.09
CA GLN A 98 -19.46 15.38 4.09
C GLN A 98 -19.28 16.04 5.47
N ILE A 99 -18.05 16.38 5.80
CA ILE A 99 -17.75 16.86 7.14
C ILE A 99 -17.96 18.34 7.33
N GLU A 100 -17.92 19.12 6.24
CA GLU A 100 -18.09 20.58 6.32
C GLU A 100 -18.97 21.09 5.18
N PRO A 101 -20.24 20.67 5.14
CA PRO A 101 -21.09 21.01 4.00
C PRO A 101 -21.38 22.51 3.89
N VAL A 102 -21.35 23.20 5.04
CA VAL A 102 -21.52 24.65 5.13
C VAL A 102 -20.32 25.10 5.94
N GLU A 103 -19.70 26.21 5.51
CA GLU A 103 -18.43 26.60 6.12
C GLU A 103 -18.53 26.76 7.66
N GLY A 104 -17.67 26.04 8.34
CA GLY A 104 -17.61 26.07 9.79
C GLY A 104 -18.74 25.33 10.49
N GLN A 105 -19.55 24.57 9.74
CA GLN A 105 -20.60 23.73 10.32
C GLN A 105 -20.20 22.25 10.13
N PHE A 106 -19.42 21.76 11.07
CA PHE A 106 -18.82 20.43 10.95
C PHE A 106 -19.79 19.35 11.37
N ASP A 107 -19.78 18.26 10.62
CA ASP A 107 -20.64 17.13 10.90
C ASP A 107 -19.83 15.85 10.78
N PHE A 108 -19.56 15.21 11.93
CA PHE A 108 -18.75 14.00 11.97
C PHE A 108 -19.61 12.79 12.34
N SER A 109 -20.90 12.85 12.07
CA SER A 109 -21.79 11.78 12.45
C SER A 109 -21.46 10.49 11.70
N TYR A 110 -21.09 10.57 10.42
CA TYR A 110 -20.74 9.33 9.72
C TYR A 110 -19.50 8.70 10.35
N LEU A 111 -18.45 9.49 10.57
CA LEU A 111 -17.24 8.95 11.21
C LEU A 111 -17.62 8.26 12.52
N ASP A 112 -18.48 8.87 13.32
CA ASP A 112 -18.86 8.24 14.59
C ASP A 112 -19.50 6.86 14.40
N LEU A 113 -20.32 6.76 13.37
CA LEU A 113 -20.97 5.50 13.04
C LEU A 113 -19.92 4.48 12.58
N LEU A 114 -18.99 4.94 11.75
CA LEU A 114 -18.00 4.05 11.17
C LEU A 114 -17.12 3.48 12.29
N LEU A 115 -16.73 4.34 13.23
CA LEU A 115 -15.91 3.91 14.34
C LEU A 115 -16.64 2.81 15.09
N GLU A 116 -17.94 3.01 15.35
CA GLU A 116 -18.75 1.99 16.05
C GLU A 116 -18.75 0.63 15.32
N GLN A 117 -19.01 0.66 14.02
CA GLN A 117 -19.21 -0.52 13.21
C GLN A 117 -17.89 -1.28 13.06
N ALA A 118 -16.80 -0.54 12.89
CA ALA A 118 -15.47 -1.09 12.77
C ALA A 118 -15.10 -1.84 14.05
N ARG A 119 -15.35 -1.21 15.18
CA ARG A 119 -15.06 -1.85 16.46
C ARG A 119 -15.86 -3.11 16.68
N GLU A 120 -17.12 -3.10 16.27
CA GLU A 120 -17.97 -4.32 16.36
C GLU A 120 -17.36 -5.49 15.59
N ARG A 121 -16.76 -5.19 14.44
CA ARG A 121 -16.12 -6.20 13.57
C ARG A 121 -14.66 -6.46 13.85
N LYS A 122 -14.11 -5.77 14.84
CA LYS A 122 -12.72 -5.95 15.21
C LYS A 122 -11.81 -5.75 14.00
N VAL A 123 -12.04 -4.69 13.22
CA VAL A 123 -11.08 -4.31 12.20
C VAL A 123 -10.55 -2.95 12.57
N ARG A 124 -9.39 -2.61 12.05
CA ARG A 124 -8.85 -1.26 12.22
C ARG A 124 -9.21 -0.43 10.98
N LEU A 125 -9.03 0.88 11.06
CA LEU A 125 -9.39 1.78 9.98
C LEU A 125 -8.18 2.58 9.55
N VAL A 126 -8.14 2.83 8.25
CA VAL A 126 -7.34 3.88 7.69
C VAL A 126 -8.32 4.86 7.04
N LEU A 127 -8.32 6.09 7.53
CA LEU A 127 -9.18 7.14 6.97
C LEU A 127 -8.49 7.77 5.79
N LEU A 128 -9.23 7.99 4.72
CA LEU A 128 -8.71 8.66 3.52
C LEU A 128 -9.29 10.05 3.45
N TRP A 129 -8.46 11.06 3.68
CA TRP A 129 -8.94 12.46 3.61
C TRP A 129 -9.09 12.89 2.17
N PHE A 130 -10.34 12.99 1.68
CA PHE A 130 -10.63 13.51 0.34
C PHE A 130 -10.94 15.02 0.43
N GLY A 131 -9.93 15.86 0.22
CA GLY A 131 -10.10 17.30 0.33
C GLY A 131 -9.78 17.98 -1.00
N THR A 132 -8.67 18.73 -1.03
CA THR A 132 -8.30 19.55 -2.19
C THR A 132 -8.03 18.71 -3.44
N TRP A 133 -7.48 17.51 -3.24
CA TRP A 133 -7.25 16.56 -4.36
C TRP A 133 -7.81 15.19 -4.10
N LYS A 134 -8.66 14.73 -5.00
CA LYS A 134 -9.04 13.33 -5.13
C LYS A 134 -8.87 12.99 -6.62
N ASN A 135 -7.90 12.14 -6.96
CA ASN A 135 -7.56 11.86 -8.36
C ASN A 135 -7.37 13.17 -9.14
N SER A 136 -6.68 14.12 -8.51
CA SER A 136 -6.22 15.37 -9.09
C SER A 136 -7.26 16.46 -9.01
N SER A 137 -8.49 16.13 -8.58
CA SER A 137 -9.61 17.06 -8.74
C SER A 137 -10.16 17.46 -7.36
N PRO A 138 -10.73 18.68 -7.25
CA PRO A 138 -11.39 19.14 -6.04
C PRO A 138 -12.84 18.65 -5.89
N SER A 139 -13.24 17.55 -6.55
CA SER A 139 -14.66 17.20 -6.57
C SER A 139 -15.26 16.87 -5.21
N TYR A 140 -14.43 16.49 -4.23
CA TYR A 140 -14.91 16.16 -2.86
C TYR A 140 -14.86 17.34 -1.91
N ALA A 141 -14.37 18.50 -2.38
CA ALA A 141 -14.50 19.73 -1.61
C ALA A 141 -15.96 20.14 -1.62
N PRO A 142 -16.47 20.74 -0.53
CA PRO A 142 -17.83 21.29 -0.57
C PRO A 142 -18.05 22.36 -1.64
N GLU A 143 -19.33 22.59 -1.98
CA GLU A 143 -19.66 23.53 -3.05
C GLU A 143 -19.12 24.91 -2.74
N TRP A 144 -19.11 25.31 -1.45
CA TRP A 144 -18.61 26.65 -1.13
C TRP A 144 -17.15 26.79 -1.33
N VAL A 145 -16.45 25.68 -1.58
CA VAL A 145 -15.06 25.73 -2.02
C VAL A 145 -15.00 25.58 -3.54
N LYS A 146 -15.44 24.45 -4.08
CA LYS A 146 -15.15 24.15 -5.49
C LYS A 146 -15.94 24.98 -6.50
N LEU A 147 -17.01 25.64 -6.06
CA LEU A 147 -17.78 26.53 -6.96
C LEU A 147 -17.43 27.98 -6.73
N ASP A 148 -16.38 28.23 -5.94
CA ASP A 148 -15.91 29.61 -5.75
C ASP A 148 -14.45 29.74 -6.15
N ASP A 149 -14.22 29.76 -7.46
CA ASP A 149 -12.89 29.72 -7.97
C ASP A 149 -12.16 31.03 -7.65
N LYS A 150 -12.89 32.13 -7.62
CA LYS A 150 -12.26 33.41 -7.26
C LYS A 150 -11.61 33.35 -5.89
N ARG A 151 -12.27 32.70 -4.93
CA ARG A 151 -11.75 32.62 -3.57
C ARG A 151 -10.71 31.49 -3.43
N PHE A 152 -10.97 30.37 -4.11
CA PHE A 152 -10.18 29.13 -4.07
C PHE A 152 -9.78 28.71 -5.47
N PRO A 153 -8.67 29.24 -5.97
CA PRO A 153 -8.41 29.22 -7.40
C PRO A 153 -7.68 27.99 -7.97
N ARG A 154 -8.18 27.60 -9.13
CA ARG A 154 -7.58 26.52 -9.89
C ARG A 154 -6.34 27.11 -10.54
N LEU A 155 -5.42 26.21 -10.86
CA LEU A 155 -4.19 26.61 -11.47
C LEU A 155 -4.48 26.98 -12.91
N ILE A 156 -3.62 27.85 -13.43
CA ILE A 156 -3.71 28.34 -14.78
C ILE A 156 -2.67 27.61 -15.62
N LYS A 157 -3.10 27.12 -16.75
CA LYS A 157 -2.26 26.33 -17.65
C LYS A 157 -1.37 27.22 -18.49
N ASP A 158 -0.43 26.61 -19.23
CA ASP A 158 0.51 27.40 -20.01
C ASP A 158 -0.09 28.07 -21.24
N ASP A 159 -1.37 27.82 -21.47
CA ASP A 159 -2.08 28.47 -22.57
C ASP A 159 -3.04 29.50 -22.02
N GLY A 160 -2.97 29.78 -20.73
CA GLY A 160 -3.76 30.83 -20.07
C GLY A 160 -5.13 30.46 -19.57
N GLU A 161 -5.58 29.25 -19.88
CA GLU A 161 -6.89 28.80 -19.45
C GLU A 161 -6.76 28.06 -18.13
N ARG A 162 -7.80 28.13 -17.31
CA ARG A 162 -7.78 27.48 -16.00
C ARG A 162 -7.86 25.96 -16.11
N SER A 163 -7.12 25.27 -15.27
CA SER A 163 -7.23 23.81 -15.16
C SER A 163 -8.49 23.54 -14.35
N TYR A 164 -8.89 22.27 -14.28
CA TYR A 164 -9.90 21.81 -13.34
C TYR A 164 -9.26 21.62 -11.92
N SER A 165 -7.93 21.61 -11.86
CA SER A 165 -7.17 21.22 -10.67
C SER A 165 -6.73 22.44 -9.86
N MSE A 166 -6.72 22.33 -8.53
CA MSE A 166 -6.49 23.49 -7.66
C MSE A 166 -5.04 23.94 -7.60
O MSE A 166 -4.11 23.11 -7.58
CB MSE A 166 -6.98 23.16 -6.26
CG MSE A 166 -8.40 22.74 -6.21
SE MSE A 166 -9.60 24.23 -6.59
CE MSE A 166 -9.39 25.11 -5.01
N SER A 167 -4.79 25.23 -7.55
CA SER A 167 -3.40 25.70 -7.34
C SER A 167 -2.94 25.42 -5.93
N PRO A 168 -1.83 24.70 -5.79
CA PRO A 168 -1.29 24.44 -4.47
C PRO A 168 -0.59 25.67 -3.87
N LEU A 169 -0.53 26.77 -4.61
CA LEU A 169 0.07 28.05 -4.10
C LEU A 169 -0.93 28.99 -3.41
N ALA A 170 -2.19 28.61 -3.41
CA ALA A 170 -3.22 29.46 -2.84
C ALA A 170 -3.29 29.29 -1.36
N LYS A 171 -2.99 30.37 -0.63
CA LYS A 171 -3.07 30.33 0.83
C LYS A 171 -4.51 30.06 1.30
N SER A 172 -5.49 30.61 0.59
CA SER A 172 -6.90 30.43 0.93
C SER A 172 -7.26 28.92 1.02
N THR A 173 -6.92 28.19 -0.04
CA THR A 173 -7.29 26.78 -0.16
C THR A 173 -6.57 25.93 0.89
N LEU A 174 -5.30 26.27 1.12
CA LEU A 174 -4.51 25.62 2.12
C LEU A 174 -5.16 25.82 3.47
N ASP A 175 -5.49 27.07 3.81
CA ASP A 175 -6.03 27.35 5.15
C ASP A 175 -7.34 26.61 5.40
N ALA A 176 -8.15 26.52 4.35
CA ALA A 176 -9.47 25.88 4.43
C ALA A 176 -9.36 24.38 4.52
N ASP A 177 -8.48 23.77 3.71
CA ASP A 177 -8.31 22.31 3.79
C ASP A 177 -7.73 21.96 5.17
N ARG A 178 -6.66 22.64 5.54
CA ARG A 178 -6.04 22.43 6.85
C ARG A 178 -7.05 22.58 8.01
N LYS A 179 -7.88 23.61 7.98
CA LYS A 179 -8.86 23.82 9.07
C LYS A 179 -9.78 22.60 9.20
N ALA A 180 -10.22 22.10 8.08
CA ALA A 180 -11.10 20.95 8.06
C ALA A 180 -10.41 19.67 8.53
N PHE A 181 -9.20 19.46 8.04
CA PHE A 181 -8.40 18.27 8.48
C PHE A 181 -8.09 18.29 9.99
N VAL A 182 -7.75 19.48 10.49
CA VAL A 182 -7.47 19.68 11.88
C VAL A 182 -8.74 19.43 12.70
N ALA A 183 -9.89 19.90 12.22
CA ALA A 183 -11.18 19.59 12.89
C ALA A 183 -11.44 18.07 12.93
N LEU A 184 -11.14 17.40 11.84
CA LEU A 184 -11.26 15.93 11.75
C LEU A 184 -10.34 15.26 12.74
N MSE A 185 -9.09 15.72 12.85
CA MSE A 185 -8.15 15.09 13.75
C MSE A 185 -8.52 15.36 15.22
O MSE A 185 -8.41 14.51 16.08
CB MSE A 185 -6.71 15.57 13.48
CG MSE A 185 -6.10 15.08 12.19
SE MSE A 185 -6.03 13.08 12.10
CE MSE A 185 -7.53 12.72 11.07
N THR A 186 -9.02 16.57 15.49
CA THR A 186 -9.51 16.93 16.81
C THR A 186 -10.70 16.02 17.22
N HIS A 187 -11.67 15.86 16.34
CA HIS A 187 -12.81 14.97 16.63
C HIS A 187 -12.37 13.52 16.78
N LEU A 188 -11.46 13.06 15.92
CA LEU A 188 -10.97 11.71 16.03
C LEU A 188 -10.27 11.49 17.37
N LYS A 189 -9.46 12.44 17.77
CA LYS A 189 -8.80 12.34 19.06
C LYS A 189 -9.82 12.20 20.19
N ALA A 190 -10.89 12.97 20.11
CA ALA A 190 -11.93 12.90 21.15
C ALA A 190 -12.62 11.51 21.21
N LYS A 191 -12.86 10.92 20.05
CA LYS A 191 -13.66 9.72 19.97
C LYS A 191 -12.88 8.42 19.92
N ASP A 192 -11.57 8.47 19.69
CA ASP A 192 -10.81 7.28 19.40
C ASP A 192 -9.45 7.23 20.09
N ALA A 193 -9.09 8.23 20.90
CA ALA A 193 -7.77 8.20 21.57
C ALA A 193 -7.65 6.94 22.48
N ALA A 194 -8.75 6.55 23.09
CA ALA A 194 -8.73 5.42 23.99
C ALA A 194 -8.40 4.10 23.29
N GLN A 195 -9.02 3.83 22.15
CA GLN A 195 -8.90 2.52 21.48
C GLN A 195 -7.92 2.51 20.29
N LYS A 196 -7.78 3.67 19.66
CA LYS A 196 -7.02 3.81 18.42
C LYS A 196 -7.41 2.82 17.31
N THR A 197 -8.71 2.70 17.12
N THR A 197 -8.70 2.70 17.10
CA THR A 197 -9.26 1.99 15.98
CA THR A 197 -9.22 1.97 15.96
C THR A 197 -8.64 2.44 14.67
C THR A 197 -8.61 2.44 14.66
N VAL A 198 -8.49 3.76 14.53
CA VAL A 198 -7.85 4.36 13.35
C VAL A 198 -6.34 4.37 13.56
N ILE A 199 -5.63 3.71 12.63
CA ILE A 199 -4.20 3.50 12.74
C ILE A 199 -3.32 4.32 11.76
N MSE A 200 -3.92 4.82 10.69
CA MSE A 200 -3.22 5.67 9.72
C MSE A 200 -4.23 6.56 9.04
O MSE A 200 -5.46 6.26 9.01
CB MSE A 200 -2.49 4.87 8.63
CG MSE A 200 -1.32 4.08 9.03
SE MSE A 200 -0.21 3.72 7.43
CE MSE A 200 1.08 5.25 7.47
N VAL A 201 -3.74 7.65 8.49
CA VAL A 201 -4.58 8.58 7.75
C VAL A 201 -3.88 8.95 6.44
N GLN A 202 -4.61 8.85 5.35
CA GLN A 202 -4.10 9.27 4.04
C GLN A 202 -4.49 10.72 3.87
N VAL A 203 -3.55 11.56 3.46
CA VAL A 203 -3.75 13.01 3.37
C VAL A 203 -3.91 13.29 1.88
N GLU A 204 -5.13 13.68 1.47
CA GLU A 204 -5.50 13.81 0.06
C GLU A 204 -5.50 12.43 -0.62
N ASN A 205 -5.85 12.39 -1.90
CA ASN A 205 -5.91 11.12 -2.63
C ASN A 205 -5.44 11.31 -4.07
N GLU A 206 -4.28 10.75 -4.43
CA GLU A 206 -3.73 10.88 -5.79
C GLU A 206 -3.69 12.34 -6.27
N THR A 207 -2.86 13.12 -5.56
CA THR A 207 -2.60 14.49 -5.90
C THR A 207 -1.93 14.61 -7.26
N GLY A 208 -1.93 15.83 -7.80
CA GLY A 208 -1.28 16.09 -9.10
C GLY A 208 -2.24 16.74 -10.06
N THR A 209 -1.82 16.86 -11.31
CA THR A 209 -2.66 17.46 -12.32
C THR A 209 -2.43 16.76 -13.64
N TYR A 210 -3.47 16.29 -14.32
CA TYR A 210 -3.33 15.85 -15.72
C TYR A 210 -3.50 17.02 -16.64
N GLY A 211 -2.66 17.12 -17.68
CA GLY A 211 -2.84 18.13 -18.72
C GLY A 211 -2.17 19.48 -18.46
N SER A 212 -1.48 19.59 -17.33
CA SER A 212 -0.71 20.77 -17.03
C SER A 212 0.34 20.31 -16.03
N VAL A 213 1.63 20.55 -16.35
CA VAL A 213 2.73 20.03 -15.51
C VAL A 213 2.90 20.88 -14.23
N ARG A 214 2.45 22.13 -14.27
CA ARG A 214 2.41 22.98 -13.05
C ARG A 214 1.42 24.14 -13.26
N ASP A 215 1.31 25.00 -12.26
CA ASP A 215 0.63 26.32 -12.32
C ASP A 215 1.49 27.36 -13.06
N PHE A 216 0.91 27.95 -14.12
CA PHE A 216 1.58 28.96 -14.90
C PHE A 216 0.95 30.32 -14.70
N GLY A 217 0.09 30.48 -13.69
CA GLY A 217 -0.50 31.81 -13.47
C GLY A 217 0.55 32.80 -12.94
N PRO A 218 0.20 34.08 -12.92
CA PRO A 218 1.22 35.04 -12.56
C PRO A 218 1.83 34.90 -11.16
N ALA A 219 1.05 34.50 -10.16
CA ALA A 219 1.57 34.31 -8.80
C ALA A 219 2.59 33.17 -8.75
N ALA A 220 2.25 32.09 -9.45
CA ALA A 220 3.10 30.93 -9.59
C ALA A 220 4.37 31.26 -10.36
N GLN A 221 4.26 32.00 -11.45
CA GLN A 221 5.41 32.31 -12.25
C GLN A 221 6.39 33.20 -11.48
N LYS A 222 5.85 34.09 -10.64
CA LYS A 222 6.68 34.96 -9.77
C LYS A 222 7.59 34.12 -8.89
N VAL A 223 7.05 33.03 -8.31
CA VAL A 223 7.81 32.10 -7.49
C VAL A 223 8.80 31.32 -8.35
N PHE A 224 8.34 30.81 -9.50
CA PHE A 224 9.20 29.99 -10.40
C PHE A 224 10.42 30.80 -10.88
N ASN A 225 10.20 32.09 -11.13
CA ASN A 225 11.30 32.99 -11.56
C ASN A 225 12.32 33.27 -10.47
N GLY A 226 11.90 33.14 -9.23
CA GLY A 226 12.77 33.31 -8.08
C GLY A 226 13.67 32.15 -7.78
N PRO A 227 14.36 32.22 -6.63
CA PRO A 227 15.30 31.20 -6.21
C PRO A 227 14.64 29.85 -5.95
N ALA A 228 15.31 28.76 -6.34
CA ALA A 228 14.90 27.42 -5.93
C ALA A 228 15.20 27.28 -4.44
N PRO A 229 14.33 26.57 -3.71
CA PRO A 229 14.49 26.39 -2.26
C PRO A 229 15.77 25.63 -1.98
N ALA A 230 16.56 26.15 -1.05
CA ALA A 230 17.81 25.53 -0.63
C ALA A 230 17.62 24.06 -0.27
N THR A 231 16.56 23.80 0.50
CA THR A 231 16.21 22.45 0.94
C THR A 231 16.09 21.50 -0.25
N LEU A 232 15.39 21.94 -1.29
CA LEU A 232 15.13 21.08 -2.46
C LEU A 232 16.41 20.90 -3.28
N VAL A 233 17.10 22.00 -3.52
CA VAL A 233 18.34 21.97 -4.29
C VAL A 233 19.32 20.94 -3.68
N LYS A 234 19.49 21.00 -2.37
CA LYS A 234 20.37 20.03 -1.66
C LYS A 234 19.85 18.61 -1.72
N ALA A 235 18.53 18.44 -1.54
CA ALA A 235 17.91 17.11 -1.59
C ALA A 235 18.14 16.41 -2.94
N VAL A 236 18.11 17.16 -4.04
CA VAL A 236 18.22 16.50 -5.33
C VAL A 236 19.60 16.60 -5.96
N GLY A 237 20.56 17.18 -5.23
CA GLY A 237 21.93 17.37 -5.72
C GLY A 237 22.09 18.39 -6.84
N ALA A 238 21.24 19.41 -6.86
CA ALA A 238 21.29 20.42 -7.94
C ALA A 238 22.22 21.57 -7.54
N LYS A 239 22.46 22.49 -8.48
CA LYS A 239 23.24 23.66 -8.20
C LYS A 239 22.28 24.79 -7.87
N PRO A 240 22.66 25.70 -6.95
CA PRO A 240 21.77 26.80 -6.62
C PRO A 240 21.49 27.75 -7.81
N GLY A 241 20.27 28.27 -7.83
CA GLY A 241 19.80 29.17 -8.85
C GLY A 241 18.29 29.32 -8.79
N THR A 242 17.74 29.91 -9.82
CA THR A 242 16.31 29.97 -9.97
C THR A 242 15.85 28.54 -10.29
N TRP A 243 14.53 28.32 -10.28
CA TRP A 243 13.98 26.99 -10.55
C TRP A 243 14.48 26.48 -11.88
N SER A 244 14.51 27.35 -12.87
CA SER A 244 14.93 26.94 -14.18
C SER A 244 16.42 26.60 -14.23
N GLN A 245 17.24 27.34 -13.51
CA GLN A 245 18.70 27.08 -13.53
C GLN A 245 19.05 25.80 -12.75
N ALA A 246 18.46 25.66 -11.58
CA ALA A 246 18.69 24.53 -10.72
C ALA A 246 18.28 23.20 -11.35
N PHE A 247 17.08 23.16 -11.96
CA PHE A 247 16.45 21.88 -12.31
C PHE A 247 16.27 21.62 -13.78
N GLY A 248 16.42 22.66 -14.60
CA GLY A 248 16.47 22.52 -16.07
C GLY A 248 15.18 21.94 -16.60
N LYS A 249 15.29 20.84 -17.35
CA LYS A 249 14.12 20.16 -17.94
C LYS A 249 13.13 19.61 -16.92
N ASP A 250 13.57 19.41 -15.70
CA ASP A 250 12.68 18.96 -14.60
C ASP A 250 12.01 20.11 -13.83
N ALA A 251 12.31 21.34 -14.21
CA ALA A 251 11.87 22.48 -13.36
C ALA A 251 10.37 22.54 -13.15
N ASP A 252 9.61 22.39 -14.22
CA ASP A 252 8.14 22.46 -14.15
C ASP A 252 7.55 21.37 -13.24
N GLU A 253 7.91 20.13 -13.51
CA GLU A 253 7.39 19.00 -12.71
C GLU A 253 7.83 19.04 -11.26
N PHE A 254 9.10 19.38 -11.02
CA PHE A 254 9.58 19.53 -9.65
C PHE A 254 8.87 20.69 -8.94
N PHE A 255 8.53 21.75 -9.68
CA PHE A 255 7.88 22.91 -9.09
C PHE A 255 6.52 22.49 -8.61
N HIS A 256 5.83 21.73 -9.42
CA HIS A 256 4.49 21.27 -9.01
C HIS A 256 4.54 20.25 -7.90
N ALA A 257 5.44 19.27 -8.00
CA ALA A 257 5.61 18.30 -6.88
C ALA A 257 5.95 18.99 -5.57
N TRP A 258 6.91 19.91 -5.61
CA TRP A 258 7.30 20.60 -4.39
C TRP A 258 6.13 21.33 -3.77
N HIS A 259 5.41 22.08 -4.60
CA HIS A 259 4.29 22.85 -4.07
C HIS A 259 3.14 22.07 -3.58
N ILE A 260 2.75 20.99 -4.28
CA ILE A 260 1.78 20.05 -3.77
C ILE A 260 2.25 19.44 -2.46
N GLY A 261 3.52 18.98 -2.45
CA GLY A 261 4.12 18.47 -1.23
C GLY A 261 4.09 19.40 -0.04
N ARG A 262 4.44 20.66 -0.27
CA ARG A 262 4.44 21.69 0.78
C ARG A 262 3.03 21.93 1.27
N PHE A 263 2.07 21.93 0.36
CA PHE A 263 0.67 22.08 0.73
C PHE A 263 0.24 20.92 1.64
N VAL A 264 0.48 19.72 1.16
CA VAL A 264 0.08 18.54 1.93
C VAL A 264 0.82 18.45 3.25
N ASP A 265 2.09 18.81 3.24
CA ASP A 265 2.89 18.85 4.47
C ASP A 265 2.26 19.73 5.52
N GLN A 266 1.75 20.86 5.09
CA GLN A 266 1.21 21.81 6.06
C GLN A 266 -0.14 21.34 6.58
N VAL A 267 -0.93 20.73 5.69
CA VAL A 267 -2.16 20.06 6.10
C VAL A 267 -1.82 18.99 7.17
N ALA A 268 -0.91 18.09 6.83
CA ALA A 268 -0.48 17.01 7.71
C ALA A 268 0.05 17.52 9.04
N ALA A 269 0.92 18.54 9.00
CA ALA A 269 1.56 19.04 10.21
C ALA A 269 0.53 19.64 11.16
N GLY A 270 -0.47 20.34 10.62
CA GLY A 270 -1.54 20.86 11.45
C GLY A 270 -2.29 19.78 12.18
N GLY A 271 -2.57 18.68 11.47
CA GLY A 271 -3.26 17.58 12.08
C GLY A 271 -2.40 16.88 13.11
N LYS A 272 -1.13 16.68 12.76
CA LYS A 272 -0.15 16.04 13.67
C LYS A 272 0.04 16.80 14.95
N ALA A 273 -0.08 18.13 14.88
CA ALA A 273 0.02 18.98 16.05
C ALA A 273 -1.08 18.70 17.05
N VAL A 274 -2.18 18.12 16.56
CA VAL A 274 -3.32 17.76 17.40
C VAL A 274 -3.29 16.30 17.78
N TYR A 275 -3.08 15.44 16.81
CA TYR A 275 -3.20 13.98 16.99
C TYR A 275 -2.20 13.28 16.07
N PRO A 276 -1.06 12.82 16.60
CA PRO A 276 0.02 12.51 15.67
C PRO A 276 0.00 11.07 15.13
N LEU A 277 -1.08 10.69 14.43
CA LEU A 277 -1.15 9.40 13.79
C LEU A 277 -0.18 9.40 12.62
N PRO A 278 0.34 8.22 12.26
CA PRO A 278 1.03 8.05 10.98
C PRO A 278 0.18 8.55 9.81
N MSE A 279 0.82 9.23 8.88
CA MSE A 279 0.13 9.80 7.76
C MSE A 279 0.88 9.49 6.49
O MSE A 279 2.11 9.42 6.48
CB MSE A 279 -0.03 11.32 7.96
CG MSE A 279 -1.05 11.67 9.03
SE MSE A 279 -1.15 13.58 9.37
CE MSE A 279 -2.14 13.50 11.10
N TYR A 280 0.15 9.33 5.41
CA TYR A 280 0.80 9.01 4.14
C TYR A 280 0.06 9.63 3.00
N VAL A 281 0.72 9.59 1.86
CA VAL A 281 0.12 9.99 0.58
C VAL A 281 0.22 8.84 -0.41
N ASN A 282 -0.76 8.78 -1.29
CA ASN A 282 -0.74 7.74 -2.33
C ASN A 282 -0.47 8.29 -3.72
N ALA A 283 0.01 7.45 -4.63
CA ALA A 283 0.45 7.93 -5.94
C ALA A 283 -0.32 7.28 -7.07
N ALA A 284 -0.92 8.12 -7.92
CA ALA A 284 -1.23 7.76 -9.29
C ALA A 284 0.07 7.59 -10.06
N LEU A 285 0.30 6.40 -10.57
CA LEU A 285 1.61 6.05 -11.08
C LEU A 285 1.86 6.50 -12.52
N ARG A 286 3.10 6.81 -12.85
CA ARG A 286 3.56 6.76 -14.24
C ARG A 286 4.12 5.37 -14.55
N ASP A 287 4.27 5.04 -15.82
CA ASP A 287 4.80 3.72 -16.14
C ASP A 287 6.18 3.48 -15.51
N PRO A 288 6.38 2.30 -14.91
CA PRO A 288 7.62 2.10 -14.21
C PRO A 288 8.83 1.79 -15.07
N ILE A 289 8.61 1.51 -16.34
CA ILE A 289 9.67 1.02 -17.24
C ILE A 289 9.84 1.98 -18.42
N LYS A 290 8.73 2.51 -18.94
CA LYS A 290 8.75 3.48 -20.05
C LYS A 290 7.84 4.67 -19.76
N PRO A 291 8.20 5.51 -18.78
CA PRO A 291 7.35 6.62 -18.43
C PRO A 291 7.24 7.63 -19.59
N GLY A 292 6.01 8.08 -19.86
CA GLY A 292 5.74 9.16 -20.83
C GLY A 292 6.04 10.57 -20.34
N ASP A 293 5.61 11.59 -21.09
CA ASP A 293 5.80 12.98 -20.65
C ASP A 293 4.87 13.28 -19.47
N PRO A 294 5.30 14.09 -18.48
CA PRO A 294 4.44 14.42 -17.33
C PRO A 294 3.12 15.09 -17.69
N LYS A 295 3.02 15.69 -18.88
CA LYS A 295 1.74 16.27 -19.32
C LYS A 295 0.68 15.15 -19.50
N THR A 296 1.13 13.91 -19.63
CA THR A 296 0.24 12.77 -19.84
C THR A 296 -0.02 11.93 -18.59
N TYR A 297 0.54 12.30 -17.47
CA TYR A 297 0.24 11.55 -16.25
C TYR A 297 -0.12 12.55 -15.17
N SER A 298 -0.27 12.07 -13.94
CA SER A 298 -0.65 12.91 -12.84
C SER A 298 0.54 13.70 -12.29
N ALA A 299 0.92 14.75 -13.01
CA ALA A 299 2.15 15.49 -12.70
C ALA A 299 2.07 16.16 -11.34
N GLY A 300 3.18 16.19 -10.61
CA GLY A 300 3.17 16.80 -9.27
C GLY A 300 2.81 15.87 -8.13
N GLY A 301 2.07 14.81 -8.46
CA GLY A 301 1.84 13.75 -7.49
C GLY A 301 3.12 12.94 -7.36
N PRO A 302 3.16 12.03 -6.38
CA PRO A 302 4.43 11.36 -6.03
C PRO A 302 4.79 10.20 -6.96
N THR A 303 5.03 10.52 -8.22
CA THR A 303 5.47 9.54 -9.15
C THR A 303 6.93 9.17 -8.80
N ASP A 304 7.47 8.12 -9.45
CA ASP A 304 8.73 7.56 -8.99
C ASP A 304 9.89 8.54 -9.09
N ASN A 305 9.86 9.43 -10.06
CA ASN A 305 10.95 10.40 -10.27
C ASN A 305 10.93 11.61 -9.32
N VAL A 306 9.83 11.81 -8.59
CA VAL A 306 9.73 12.89 -7.63
C VAL A 306 9.50 12.38 -6.19
N ILE A 307 9.87 11.12 -5.92
CA ILE A 307 9.79 10.67 -4.52
C ILE A 307 10.73 11.49 -3.64
N GLY A 308 11.91 11.78 -4.17
CA GLY A 308 12.87 12.60 -3.40
C GLY A 308 12.38 14.00 -3.14
N VAL A 309 11.76 14.60 -4.16
CA VAL A 309 11.19 15.94 -4.02
C VAL A 309 10.11 15.90 -2.93
N TRP A 310 9.25 14.89 -2.96
CA TRP A 310 8.19 14.76 -1.96
C TRP A 310 8.73 14.52 -0.58
N GLN A 311 9.78 13.72 -0.49
CA GLN A 311 10.42 13.50 0.83
C GLN A 311 10.97 14.81 1.43
N ALA A 312 11.53 15.66 0.59
CA ALA A 312 12.09 16.92 1.02
C ALA A 312 10.99 17.93 1.35
N ALA A 313 9.88 17.88 0.60
CA ALA A 313 8.79 18.83 0.76
C ALA A 313 7.93 18.50 1.97
N ALA A 314 7.83 17.24 2.36
CA ALA A 314 6.82 16.84 3.32
C ALA A 314 7.33 15.91 4.39
N PRO A 315 8.16 16.44 5.29
CA PRO A 315 8.65 15.70 6.45
C PRO A 315 7.54 15.18 7.37
N SER A 316 6.36 15.79 7.35
CA SER A 316 5.25 15.33 8.19
C SER A 316 4.47 14.14 7.60
N ILE A 317 4.78 13.81 6.36
CA ILE A 317 4.23 12.60 5.73
C ILE A 317 5.21 11.45 5.92
N ASP A 318 4.72 10.35 6.47
CA ASP A 318 5.59 9.24 6.85
C ASP A 318 6.01 8.28 5.75
N LEU A 319 5.16 8.09 4.75
CA LEU A 319 5.50 7.24 3.61
C LEU A 319 4.71 7.66 2.39
N ILE A 320 5.25 7.26 1.23
CA ILE A 320 4.64 7.48 -0.07
C ILE A 320 4.27 6.11 -0.64
N ALA A 321 2.98 5.93 -0.94
CA ALA A 321 2.40 4.62 -1.27
C ALA A 321 1.92 4.54 -2.70
N PRO A 322 2.38 3.52 -3.43
CA PRO A 322 1.92 3.41 -4.82
C PRO A 322 0.53 2.79 -4.90
N ASP A 323 -0.24 3.27 -5.88
CA ASP A 323 -1.50 2.66 -6.29
C ASP A 323 -1.27 1.90 -7.59
N ILE A 324 -1.35 0.57 -7.54
CA ILE A 324 -0.85 -0.27 -8.66
C ILE A 324 -2.00 -1.00 -9.38
N TYR A 325 -2.30 -0.51 -10.57
CA TYR A 325 -3.32 -1.09 -11.43
C TYR A 325 -2.68 -1.53 -12.71
N MSE A 326 -1.53 -2.14 -12.60
CA MSE A 326 -0.88 -2.73 -13.72
C MSE A 326 -0.83 -4.23 -13.40
O MSE A 326 -0.28 -4.66 -12.39
CB MSE A 326 0.48 -2.08 -13.92
CG MSE A 326 0.38 -0.63 -14.31
SE MSE A 326 2.16 0.19 -14.04
CE MSE A 326 1.59 2.08 -13.94
N LYS A 327 -1.51 -5.02 -14.25
CA LYS A 327 -1.69 -6.43 -13.98
C LYS A 327 -0.41 -7.28 -14.30
N GLU A 328 0.42 -6.79 -15.21
CA GLU A 328 1.62 -7.53 -15.65
C GLU A 328 2.65 -7.61 -14.52
N SER A 329 3.13 -8.80 -14.25
CA SER A 329 4.07 -9.00 -13.16
C SER A 329 5.35 -8.19 -13.32
N VAL A 330 5.84 -8.08 -14.56
CA VAL A 330 7.04 -7.32 -14.82
C VAL A 330 6.87 -5.88 -14.33
N LYS A 331 5.68 -5.32 -14.55
CA LYS A 331 5.42 -3.92 -14.18
C LYS A 331 5.16 -3.82 -12.70
N TYR A 332 4.38 -4.73 -12.20
CA TYR A 332 4.05 -4.71 -10.76
C TYR A 332 5.31 -4.80 -9.92
N GLU A 333 6.20 -5.74 -10.26
CA GLU A 333 7.48 -5.87 -9.55
C GLU A 333 8.36 -4.61 -9.64
N ALA A 334 8.39 -4.03 -10.82
CA ALA A 334 9.10 -2.79 -11.05
C ALA A 334 8.61 -1.64 -10.20
N VAL A 335 7.28 -1.47 -10.12
CA VAL A 335 6.70 -0.47 -9.21
C VAL A 335 7.13 -0.66 -7.75
N LEU A 336 7.05 -1.90 -7.27
CA LEU A 336 7.45 -2.21 -5.90
C LEU A 336 8.89 -1.83 -5.67
N GLY A 337 9.72 -2.09 -6.68
CA GLY A 337 11.12 -1.71 -6.62
C GLY A 337 11.38 -0.22 -6.51
N HIS A 338 10.59 0.60 -7.21
CA HIS A 338 10.76 2.04 -7.14
C HIS A 338 10.35 2.64 -5.81
N TYR A 339 9.30 2.12 -5.21
CA TYR A 339 8.76 2.70 -4.01
C TYR A 339 9.36 2.16 -2.69
N ALA A 340 9.80 0.91 -2.70
CA ALA A 340 10.45 0.30 -1.53
C ALA A 340 11.89 0.83 -1.46
N ARG A 341 12.18 1.67 -0.47
CA ARG A 341 13.50 2.23 -0.28
C ARG A 341 13.87 2.17 1.20
N PRO A 342 15.13 2.33 1.55
CA PRO A 342 15.49 2.36 2.98
C PRO A 342 14.79 3.46 3.74
N ASN A 343 14.44 4.54 3.04
CA ASN A 343 13.75 5.66 3.66
C ASN A 343 12.28 5.82 3.21
N ASN A 344 11.70 4.75 2.67
CA ASN A 344 10.30 4.74 2.31
C ASN A 344 9.71 3.36 2.51
N ALA A 345 8.85 3.25 3.51
CA ALA A 345 8.17 2.03 3.82
C ALA A 345 7.29 1.64 2.65
N LEU A 346 7.21 0.34 2.34
CA LEU A 346 6.36 -0.14 1.24
C LEU A 346 4.94 -0.48 1.70
N PHE A 347 3.98 0.29 1.19
CA PHE A 347 2.59 0.06 1.46
C PHE A 347 1.87 0.24 0.14
N VAL A 348 1.21 -0.83 -0.31
CA VAL A 348 0.47 -0.79 -1.55
C VAL A 348 -0.94 -0.38 -1.14
N ALA A 349 -1.18 0.93 -1.24
CA ALA A 349 -2.36 1.54 -0.70
C ALA A 349 -3.61 1.15 -1.50
N GLU A 350 -3.43 0.82 -2.78
CA GLU A 350 -4.52 0.44 -3.69
C GLU A 350 -3.98 -0.53 -4.70
N THR A 351 -4.75 -1.55 -5.08
CA THR A 351 -4.38 -2.35 -6.21
C THR A 351 -5.67 -2.87 -6.83
N GLY A 352 -5.59 -3.42 -8.04
CA GLY A 352 -6.75 -4.04 -8.71
C GLY A 352 -7.42 -5.17 -7.97
N ASN A 353 -8.71 -5.32 -8.23
CA ASN A 353 -9.46 -6.42 -7.69
C ASN A 353 -9.89 -7.41 -8.74
N ASP A 354 -9.25 -7.36 -9.91
CA ASP A 354 -9.32 -8.49 -10.83
C ASP A 354 -8.55 -9.67 -10.16
N PRO A 355 -9.02 -10.90 -10.31
CA PRO A 355 -8.40 -12.02 -9.59
C PRO A 355 -6.90 -12.19 -9.80
N ALA A 356 -6.38 -11.80 -10.96
CA ALA A 356 -4.90 -11.82 -11.21
C ALA A 356 -4.08 -11.06 -10.14
N TYR A 357 -4.68 -10.05 -9.49
CA TYR A 357 -3.97 -9.22 -8.54
C TYR A 357 -3.76 -9.93 -7.21
N ALA A 358 -4.64 -10.89 -6.91
CA ALA A 358 -4.70 -11.52 -5.57
C ALA A 358 -3.34 -11.96 -5.11
N ARG A 359 -2.57 -12.58 -6.00
CA ARG A 359 -1.31 -13.18 -5.60
C ARG A 359 -0.24 -12.17 -5.20
N TYR A 360 -0.37 -10.90 -5.63
CA TYR A 360 0.65 -9.92 -5.39
C TYR A 360 0.78 -9.52 -3.90
N VAL A 361 -0.13 -9.94 -3.03
CA VAL A 361 0.12 -9.82 -1.60
C VAL A 361 1.45 -10.48 -1.23
N PHE A 362 1.76 -11.61 -1.88
CA PHE A 362 2.96 -12.37 -1.55
C PHE A 362 4.21 -11.62 -2.02
N SER A 363 4.14 -10.98 -3.17
CA SER A 363 5.24 -10.17 -3.69
C SER A 363 5.53 -8.97 -2.81
N THR A 364 4.47 -8.31 -2.34
CA THR A 364 4.57 -7.10 -1.52
C THR A 364 5.13 -7.42 -0.13
N LEU A 365 4.56 -8.43 0.53
CA LEU A 365 5.08 -8.84 1.81
C LEU A 365 6.51 -9.42 1.71
N GLY A 366 6.79 -10.08 0.59
CA GLY A 366 8.12 -10.63 0.30
C GLY A 366 9.22 -9.58 0.07
N LYS A 367 8.81 -8.34 -0.21
CA LYS A 367 9.72 -7.19 -0.39
C LYS A 367 9.68 -6.24 0.82
N GLN A 368 9.35 -6.79 1.95
CA GLN A 368 9.30 -6.09 3.23
C GLN A 368 8.16 -5.07 3.32
N GLY A 369 7.07 -5.30 2.57
CA GLY A 369 5.88 -4.47 2.67
C GLY A 369 5.20 -4.54 4.03
N ILE A 370 4.66 -3.40 4.47
CA ILE A 370 3.85 -3.34 5.70
C ILE A 370 2.35 -3.43 5.48
N GLY A 371 1.92 -3.43 4.23
CA GLY A 371 0.52 -3.53 3.94
C GLY A 371 0.20 -3.60 2.47
N TRP A 372 -1.04 -3.97 2.18
CA TRP A 372 -1.45 -4.22 0.82
C TRP A 372 -2.95 -4.19 0.83
N SER A 373 -3.56 -3.65 -0.22
CA SER A 373 -5.00 -3.36 -0.23
C SER A 373 -5.68 -3.38 -1.61
N PRO A 374 -6.52 -4.40 -1.87
CA PRO A 374 -7.34 -4.39 -3.10
C PRO A 374 -8.41 -3.32 -2.99
N PHE A 375 -8.62 -2.59 -4.09
CA PHE A 375 -9.61 -1.53 -4.18
C PHE A 375 -10.93 -2.05 -4.71
N GLY A 376 -12.03 -1.66 -4.04
CA GLY A 376 -13.37 -1.89 -4.50
C GLY A 376 -14.10 -3.03 -3.90
N MSE A 377 -13.87 -3.24 -2.60
CA MSE A 377 -14.33 -4.42 -1.96
C MSE A 377 -15.61 -4.10 -1.21
O MSE A 377 -15.65 -3.96 0.05
CB MSE A 377 -13.26 -5.03 -1.04
CG MSE A 377 -11.96 -5.38 -1.79
SE MSE A 377 -12.26 -6.57 -3.36
CE MSE A 377 -11.31 -8.15 -2.71
N ASP A 378 -16.67 -3.98 -2.00
CA ASP A 378 -18.00 -3.90 -1.43
C ASP A 378 -19.03 -4.45 -2.43
N TYR A 379 -20.24 -4.61 -1.95
CA TYR A 379 -21.34 -5.10 -2.76
C TYR A 379 -22.32 -4.00 -3.22
N THR A 380 -21.81 -2.79 -3.36
CA THR A 380 -22.67 -1.68 -3.79
C THR A 380 -23.02 -1.69 -5.28
N GLY A 381 -22.40 -2.58 -6.05
CA GLY A 381 -22.70 -2.80 -7.48
C GLY A 381 -21.67 -2.22 -8.42
N TYR A 382 -20.72 -1.46 -7.88
CA TYR A 382 -19.77 -0.75 -8.73
C TYR A 382 -18.64 -1.70 -8.97
N GLY A 383 -18.09 -1.64 -10.17
CA GLY A 383 -16.88 -2.36 -10.50
C GLY A 383 -16.05 -1.47 -11.38
N ASN A 384 -14.73 -1.48 -11.17
CA ASN A 384 -13.87 -0.51 -11.85
C ASN A 384 -13.13 -1.07 -13.07
N TYR A 385 -13.56 -2.21 -13.58
CA TYR A 385 -13.12 -2.70 -14.88
C TYR A 385 -13.11 -1.51 -15.84
N PRO A 386 -12.02 -1.31 -16.63
CA PRO A 386 -10.85 -2.16 -16.94
C PRO A 386 -9.72 -2.23 -15.93
N LEU A 387 -9.75 -1.40 -14.87
CA LEU A 387 -8.79 -1.52 -13.78
C LEU A 387 -8.92 -2.84 -13.01
N GLY A 388 -10.12 -3.12 -12.52
CA GLY A 388 -10.36 -4.29 -11.73
C GLY A 388 -11.45 -5.16 -12.33
N ALA A 389 -12.18 -5.78 -11.45
CA ALA A 389 -13.26 -6.64 -11.77
C ALA A 389 -14.47 -5.83 -12.28
N ALA A 390 -15.15 -6.41 -13.25
CA ALA A 390 -16.40 -5.84 -13.77
C ALA A 390 -17.53 -5.98 -12.76
N LYS A 391 -17.53 -7.12 -12.09
CA LYS A 391 -18.57 -7.47 -11.10
C LYS A 391 -17.91 -7.94 -9.81
N VAL A 392 -18.36 -7.40 -8.68
CA VAL A 392 -17.83 -7.76 -7.37
C VAL A 392 -18.91 -8.52 -6.62
N ASP A 393 -18.74 -9.83 -6.55
CA ASP A 393 -19.69 -10.71 -5.88
C ASP A 393 -18.92 -11.66 -4.97
N GLU A 394 -19.63 -12.54 -4.27
CA GLU A 394 -19.01 -13.40 -3.31
C GLU A 394 -17.86 -14.17 -3.97
N ALA A 395 -18.06 -14.68 -5.20
CA ALA A 395 -17.01 -15.50 -5.90
C ALA A 395 -15.73 -14.73 -6.08
N LEU A 396 -15.86 -13.47 -6.50
CA LEU A 396 -14.67 -12.61 -6.64
C LEU A 396 -13.94 -12.40 -5.33
N ILE A 397 -14.68 -12.07 -4.28
CA ILE A 397 -14.08 -11.75 -3.00
C ILE A 397 -13.39 -12.99 -2.43
N GLU A 398 -13.99 -14.17 -2.61
CA GLU A 398 -13.34 -15.43 -2.24
C GLU A 398 -11.91 -15.63 -2.76
N VAL A 399 -11.64 -15.13 -3.97
CA VAL A 399 -10.32 -15.20 -4.53
C VAL A 399 -9.32 -14.49 -3.61
N PHE A 400 -9.69 -13.31 -3.14
CA PHE A 400 -8.82 -12.51 -2.28
C PHE A 400 -8.90 -13.00 -0.84
N ALA A 401 -10.07 -13.47 -0.43
CA ALA A 401 -10.29 -14.00 0.93
C ALA A 401 -9.32 -15.12 1.29
N ALA A 402 -9.04 -16.01 0.32
CA ALA A 402 -8.25 -17.23 0.61
C ALA A 402 -6.86 -16.83 1.13
N ASN A 403 -6.27 -15.76 0.58
CA ASN A 403 -4.95 -15.29 1.08
C ASN A 403 -5.00 -14.62 2.46
N TYR A 404 -6.06 -13.86 2.72
CA TYR A 404 -6.21 -13.16 3.99
C TYR A 404 -6.60 -14.12 5.12
N ARG A 405 -7.38 -15.14 4.81
CA ARG A 405 -7.69 -16.14 5.82
C ARG A 405 -6.40 -16.84 6.30
N LEU A 406 -5.46 -17.06 5.39
CA LEU A 406 -4.18 -17.68 5.71
C LEU A 406 -3.30 -16.70 6.49
N LEU A 407 -3.21 -15.45 6.01
CA LEU A 407 -2.20 -14.52 6.50
C LEU A 407 -2.63 -13.83 7.82
N ALA A 408 -3.92 -13.58 8.01
CA ALA A 408 -4.38 -12.74 9.14
C ALA A 408 -3.95 -13.26 10.53
N PRO A 409 -4.11 -14.57 10.76
CA PRO A 409 -3.69 -15.14 12.07
C PRO A 409 -2.19 -15.05 12.29
N MSE A 410 -1.41 -14.99 11.20
CA MSE A 410 0.05 -14.86 11.34
C MSE A 410 0.59 -13.43 11.14
O MSE A 410 1.79 -13.23 11.14
CB MSE A 410 0.76 -15.83 10.37
CG MSE A 410 0.29 -15.80 9.02
SE MSE A 410 0.99 -17.21 7.80
CE MSE A 410 2.82 -17.27 8.36
N ALA A 411 -0.30 -12.45 11.01
CA ALA A 411 0.10 -11.08 10.62
C ALA A 411 1.06 -10.44 11.65
N ARG A 412 0.78 -10.59 12.93
CA ARG A 412 1.71 -10.00 13.93
C ARG A 412 3.08 -10.68 13.85
N GLU A 413 3.08 -11.99 13.63
CA GLU A 413 4.35 -12.71 13.60
C GLU A 413 5.13 -12.31 12.36
N LEU A 414 4.45 -12.29 11.22
CA LEU A 414 5.09 -11.83 9.95
C LEU A 414 5.60 -10.39 10.02
N ALA A 415 4.83 -9.52 10.65
CA ALA A 415 5.18 -8.12 10.72
C ALA A 415 6.49 -8.00 11.48
N ARG A 416 6.62 -8.72 12.59
CA ARG A 416 7.81 -8.62 13.41
C ARG A 416 8.99 -9.22 12.66
N LEU A 417 8.81 -10.43 12.15
CA LEU A 417 9.91 -11.09 11.42
C LEU A 417 10.37 -10.29 10.19
N SER A 418 9.42 -9.66 9.54
CA SER A 418 9.73 -8.82 8.38
C SER A 418 10.57 -7.62 8.80
N PHE A 419 10.15 -6.96 9.88
CA PHE A 419 10.89 -5.84 10.44
C PHE A 419 12.30 -6.20 10.83
N GLU A 420 12.48 -7.46 11.26
CA GLU A 420 13.77 -7.96 11.72
C GLU A 420 14.64 -8.35 10.53
N GLY A 421 14.06 -8.27 9.32
CA GLY A 421 14.77 -8.57 8.11
C GLY A 421 14.85 -10.05 7.73
N LYS A 422 13.89 -10.85 8.19
CA LYS A 422 13.95 -12.31 8.04
C LYS A 422 13.04 -12.88 6.94
N VAL A 423 12.30 -12.02 6.20
CA VAL A 423 11.22 -12.49 5.34
C VAL A 423 11.58 -12.36 3.87
N TRP A 424 11.30 -13.37 3.09
CA TRP A 424 11.44 -13.29 1.63
C TRP A 424 10.26 -13.97 1.06
N GLY A 425 9.83 -13.56 -0.12
CA GLY A 425 8.73 -14.24 -0.78
C GLY A 425 8.51 -13.75 -2.18
N GLY A 426 7.50 -14.30 -2.81
CA GLY A 426 7.26 -13.95 -4.22
C GLY A 426 5.92 -14.46 -4.68
N ALA A 427 5.46 -13.90 -5.79
CA ALA A 427 4.23 -14.31 -6.41
C ALA A 427 4.55 -14.86 -7.77
N GLU A 428 3.70 -15.76 -8.25
CA GLU A 428 3.82 -16.40 -9.51
C GLU A 428 4.01 -15.38 -10.63
N PRO A 429 5.15 -15.43 -11.32
CA PRO A 429 5.31 -14.57 -12.51
C PRO A 429 4.35 -14.92 -13.63
N ASP A 430 4.08 -13.93 -14.49
CA ASP A 430 3.29 -14.18 -15.66
C ASP A 430 3.81 -15.35 -16.50
N ASP A 431 5.14 -15.52 -16.55
CA ASP A 431 5.75 -16.64 -17.30
C ASP A 431 6.03 -17.90 -16.43
N ARG A 432 5.60 -17.87 -15.19
CA ARG A 432 5.71 -19.00 -14.27
C ARG A 432 7.13 -19.38 -13.88
N ALA A 433 8.10 -18.51 -14.14
CA ALA A 433 9.49 -18.78 -13.80
C ALA A 433 9.70 -18.94 -12.29
N ALA A 434 10.63 -19.84 -11.92
CA ALA A 434 10.92 -20.09 -10.50
C ALA A 434 11.63 -18.90 -9.89
N GLN A 435 11.43 -18.70 -8.58
CA GLN A 435 12.13 -17.67 -7.86
C GLN A 435 13.03 -18.32 -6.81
N THR A 436 14.23 -17.79 -6.66
CA THR A 436 15.15 -18.33 -5.69
C THR A 436 15.90 -17.23 -4.98
N THR A 437 16.33 -17.54 -3.75
CA THR A 437 17.25 -16.70 -2.99
C THR A 437 18.13 -17.59 -2.08
N THR A 438 19.13 -16.96 -1.47
CA THR A 438 19.99 -17.59 -0.48
C THR A 438 19.67 -16.95 0.87
N MSE A 439 19.37 -17.77 1.86
CA MSE A 439 19.14 -17.29 3.21
C MSE A 439 20.16 -17.98 4.10
O MSE A 439 20.02 -19.15 4.46
CB MSE A 439 17.71 -17.57 3.64
CG MSE A 439 16.68 -17.03 2.62
SE MSE A 439 14.84 -17.09 3.32
CE MSE A 439 14.81 -15.32 4.26
N GLY A 440 21.24 -17.26 4.43
CA GLY A 440 22.39 -17.90 5.12
C GLY A 440 23.02 -19.05 4.34
N ASP A 441 23.00 -20.25 4.96
CA ASP A 441 23.60 -21.46 4.40
C ASP A 441 22.77 -22.17 3.36
N TRP A 442 21.54 -21.71 3.17
CA TRP A 442 20.50 -22.46 2.45
C TRP A 442 19.96 -21.69 1.29
N THR A 443 19.53 -22.41 0.27
CA THR A 443 18.81 -21.80 -0.82
C THR A 443 17.34 -22.07 -0.62
N VAL A 444 16.52 -21.13 -1.05
CA VAL A 444 15.09 -21.23 -0.95
C VAL A 444 14.54 -20.96 -2.34
N SER A 445 13.66 -21.83 -2.83
CA SER A 445 13.06 -21.65 -4.14
C SER A 445 11.57 -21.75 -4.10
N LEU A 446 10.94 -20.96 -4.96
CA LEU A 446 9.50 -21.04 -5.20
C LEU A 446 9.27 -21.48 -6.65
N ARG A 447 8.50 -22.57 -6.81
CA ARG A 447 8.20 -23.12 -8.12
C ARG A 447 6.71 -23.21 -8.31
N TYR A 448 6.29 -22.96 -9.56
CA TYR A 448 4.88 -22.81 -9.87
C TYR A 448 4.47 -23.85 -10.89
N GLY A 449 3.22 -24.26 -10.83
CA GLY A 449 2.66 -25.23 -11.75
C GLY A 449 2.98 -26.70 -11.48
N LYS A 450 3.60 -26.99 -10.34
CA LYS A 450 3.91 -28.37 -9.98
C LYS A 450 2.73 -29.04 -9.26
N TRP A 451 2.71 -30.37 -9.33
CA TRP A 451 1.72 -31.17 -8.61
C TRP A 451 2.15 -31.34 -7.16
N GLN A 452 1.42 -32.17 -6.39
CA GLN A 452 1.87 -32.43 -5.01
C GLN A 452 2.82 -33.63 -4.93
N PHE A 453 3.09 -34.29 -6.06
CA PHE A 453 3.94 -35.45 -6.16
C PHE A 453 4.78 -35.26 -7.42
N GLY A 454 5.99 -35.78 -7.44
CA GLY A 454 6.83 -35.75 -8.64
C GLY A 454 7.92 -34.68 -8.53
N ALA A 455 9.16 -35.08 -8.82
CA ALA A 455 10.30 -34.19 -8.70
C ALA A 455 10.21 -33.00 -9.65
N SER A 456 10.73 -31.87 -9.20
CA SER A 456 10.65 -30.64 -9.98
C SER A 456 11.35 -30.86 -11.31
N ASP A 457 12.31 -31.77 -11.35
CA ASP A 457 13.07 -31.99 -12.59
C ASP A 457 12.52 -33.12 -13.47
N TRP A 458 11.26 -33.53 -13.26
CA TRP A 458 10.69 -34.55 -14.14
C TRP A 458 10.12 -33.86 -15.32
N THR A 459 10.86 -33.90 -16.41
CA THR A 459 10.52 -33.16 -17.58
C THR A 459 9.34 -33.83 -18.29
N TRP A 460 9.14 -35.12 -18.07
CA TRP A 460 8.03 -35.83 -18.68
C TRP A 460 6.67 -35.50 -18.04
N LEU A 461 6.67 -35.01 -16.81
CA LEU A 461 5.44 -34.69 -16.11
C LEU A 461 5.03 -33.25 -16.44
N LYS A 462 3.95 -33.10 -17.22
CA LYS A 462 3.43 -31.78 -17.60
C LYS A 462 2.89 -31.01 -16.40
N ASP A 463 3.08 -29.69 -16.39
CA ASP A 463 2.69 -28.87 -15.24
C ASP A 463 1.18 -28.82 -15.19
N ARG A 464 0.63 -28.37 -14.06
CA ARG A 464 -0.78 -28.03 -13.97
C ARG A 464 -1.12 -27.00 -15.03
N PRO A 465 -2.34 -27.01 -15.54
CA PRO A 465 -2.65 -25.93 -16.47
C PRO A 465 -2.82 -24.58 -15.78
N PRO A 466 -2.77 -23.48 -16.55
CA PRO A 466 -2.89 -22.13 -16.02
C PRO A 466 -4.05 -21.97 -15.03
N GLY A 467 -3.92 -21.04 -14.09
CA GLY A 467 -5.06 -20.73 -13.23
C GLY A 467 -6.30 -20.43 -14.06
N PRO A 468 -7.49 -20.65 -13.49
CA PRO A 468 -8.71 -20.27 -14.21
C PRO A 468 -8.74 -18.78 -14.58
N GLN A 469 -8.42 -17.93 -13.61
CA GLN A 469 -8.53 -16.48 -13.74
C GLN A 469 -7.15 -15.82 -13.70
N GLY A 470 -6.13 -16.59 -14.08
CA GLY A 470 -4.78 -16.07 -14.21
C GLY A 470 -3.82 -16.75 -13.23
N PRO A 471 -2.58 -16.23 -13.15
CA PRO A 471 -1.67 -16.76 -12.17
C PRO A 471 -2.26 -16.60 -10.77
N GLU A 472 -1.90 -17.51 -9.88
CA GLU A 472 -2.47 -17.44 -8.55
C GLU A 472 -1.55 -17.88 -7.43
N GLY A 473 -0.36 -18.34 -7.75
CA GLY A 473 0.54 -18.81 -6.70
C GLY A 473 1.36 -17.72 -6.04
N GLY A 474 1.84 -18.04 -4.82
CA GLY A 474 2.84 -17.24 -4.15
C GLY A 474 3.26 -17.86 -2.82
N GLY A 475 4.37 -17.37 -2.27
CA GLY A 475 4.93 -17.94 -1.05
C GLY A 475 5.67 -16.90 -0.24
N LEU A 476 5.78 -17.21 1.05
CA LEU A 476 6.56 -16.41 1.99
C LEU A 476 7.36 -17.38 2.88
N VAL A 477 8.62 -17.06 3.14
CA VAL A 477 9.49 -17.84 4.01
C VAL A 477 10.18 -16.84 4.93
N ALA A 478 10.18 -17.11 6.25
CA ALA A 478 10.95 -16.33 7.24
C ALA A 478 12.05 -17.21 7.78
N GLN A 479 13.28 -16.73 7.78
CA GLN A 479 14.34 -17.48 8.42
C GLN A 479 14.33 -17.07 9.90
N LEU A 480 13.86 -17.98 10.74
CA LEU A 480 13.71 -17.74 12.17
C LEU A 480 15.06 -17.81 12.91
N SER A 481 15.97 -18.62 12.39
CA SER A 481 17.33 -18.78 12.90
C SER A 481 18.14 -19.44 11.80
N PRO A 482 19.42 -19.76 12.05
CA PRO A 482 20.14 -20.27 10.90
C PRO A 482 19.56 -21.44 10.12
N ASN A 483 18.95 -22.38 10.80
CA ASN A 483 18.49 -23.63 10.17
C ASN A 483 16.98 -23.85 10.31
N GLU A 484 16.25 -22.83 10.76
CA GLU A 484 14.82 -22.94 11.01
C GLU A 484 14.08 -21.88 10.23
N PHE A 485 12.97 -22.29 9.63
CA PHE A 485 12.17 -21.43 8.75
C PHE A 485 10.69 -21.56 9.07
N LEU A 486 9.98 -20.46 8.89
CA LEU A 486 8.53 -20.47 8.86
C LEU A 486 8.16 -20.34 7.37
N VAL A 487 7.28 -21.20 6.91
CA VAL A 487 6.95 -21.30 5.48
C VAL A 487 5.43 -21.32 5.25
N THR A 488 4.95 -20.50 4.32
CA THR A 488 3.56 -20.63 3.88
C THR A 488 3.45 -20.20 2.46
N GLY A 489 2.26 -20.42 1.93
CA GLY A 489 2.00 -20.06 0.57
C GLY A 489 0.72 -20.70 0.09
N ARG A 490 0.36 -20.39 -1.14
CA ARG A 490 -0.73 -21.00 -1.81
C ARG A 490 -0.34 -21.22 -3.28
N ASN A 491 -0.68 -22.41 -3.75
CA ASN A 491 -0.46 -22.83 -5.10
C ASN A 491 1.00 -22.66 -5.54
N VAL A 492 1.89 -23.24 -4.77
CA VAL A 492 3.31 -23.02 -4.89
C VAL A 492 4.03 -24.24 -4.32
N ARG A 493 5.18 -24.55 -4.87
CA ARG A 493 6.12 -25.52 -4.26
C ARG A 493 7.29 -24.75 -3.70
N VAL A 494 7.56 -24.95 -2.42
CA VAL A 494 8.75 -24.37 -1.77
C VAL A 494 9.80 -25.48 -1.65
N GLU A 495 11.04 -25.21 -2.06
CA GLU A 495 12.10 -26.22 -2.00
C GLU A 495 13.33 -25.59 -1.43
N PHE A 496 14.01 -26.33 -0.54
CA PHE A 496 15.21 -25.87 0.05
C PHE A 496 16.37 -26.69 -0.50
N GLY A 497 17.53 -26.03 -0.62
CA GLY A 497 18.80 -26.67 -0.97
C GLY A 497 19.88 -26.03 -0.11
N ARG A 498 21.13 -26.39 -0.37
CA ARG A 498 22.28 -25.84 0.36
C ARG A 498 23.05 -24.86 -0.54
N ALA A 499 23.26 -23.65 -0.04
CA ALA A 499 23.95 -22.59 -0.79
C ALA A 499 25.44 -22.77 -0.59
N THR A 500 25.84 -22.93 0.66
CA THR A 500 27.25 -23.10 0.99
C THR A 500 27.84 -24.26 0.19
N ALA A 501 28.86 -23.96 -0.61
CA ALA A 501 29.50 -24.96 -1.48
C ALA A 501 30.52 -25.78 -0.69
N ASP A 502 30.09 -26.43 0.38
CA ASP A 502 30.96 -27.28 1.19
C ASP A 502 30.74 -28.79 0.93
N GLY A 503 29.87 -29.12 -0.02
CA GLY A 503 29.64 -30.52 -0.42
C GLY A 503 28.82 -31.35 0.57
N LYS A 504 28.36 -30.73 1.67
CA LYS A 504 27.62 -31.48 2.70
C LYS A 504 26.21 -31.78 2.22
N PRO A 505 25.76 -33.04 2.39
CA PRO A 505 24.38 -33.39 2.02
C PRO A 505 23.42 -32.82 3.05
N MSE A 506 22.14 -32.73 2.71
N MSE A 506 22.15 -32.66 2.70
CA MSE A 506 21.18 -32.06 3.58
CA MSE A 506 21.19 -32.03 3.60
C MSE A 506 19.85 -32.78 3.58
C MSE A 506 19.83 -32.71 3.54
O MSE A 506 19.59 -33.64 2.74
O MSE A 506 19.56 -33.50 2.63
CB MSE A 506 20.95 -30.64 3.11
CB MSE A 506 21.05 -30.52 3.31
CG MSE A 506 20.07 -30.62 1.91
CG MSE A 506 20.60 -30.19 1.92
SE MSE A 506 19.66 -28.83 1.38
SE MSE A 506 18.66 -30.23 1.60
CE MSE A 506 18.45 -28.34 2.81
CE MSE A 506 18.05 -28.91 2.88
N MSE A 507 18.99 -32.39 4.52
CA MSE A 507 17.60 -32.81 4.51
C MSE A 507 16.75 -31.80 5.22
O MSE A 507 17.25 -30.96 5.99
CB MSE A 507 17.45 -34.17 5.23
CG MSE A 507 17.74 -34.08 6.71
SE MSE A 507 17.27 -35.68 7.72
CE MSE A 507 18.47 -36.95 6.90
N MSE A 508 15.44 -31.89 5.00
CA MSE A 508 14.49 -31.26 5.91
C MSE A 508 14.33 -32.23 7.02
O MSE A 508 13.67 -33.28 6.86
CB MSE A 508 13.14 -31.01 5.21
CG MSE A 508 13.28 -29.98 4.09
SE MSE A 508 11.60 -29.40 3.26
CE MSE A 508 11.22 -31.10 2.50
N ALA A 509 14.92 -31.91 8.16
CA ALA A 509 14.94 -32.78 9.31
C ALA A 509 13.58 -32.89 10.00
N ARG A 510 12.83 -31.80 9.99
CA ARG A 510 11.52 -31.75 10.62
C ARG A 510 10.69 -30.71 9.89
N VAL A 511 9.46 -31.10 9.55
CA VAL A 511 8.47 -30.20 8.97
C VAL A 511 7.20 -30.31 9.81
N GLU A 512 6.88 -29.25 10.55
CA GLU A 512 5.74 -29.25 11.45
C GLU A 512 4.67 -28.32 10.94
N GLU A 513 3.47 -28.84 10.72
CA GLU A 513 2.33 -28.00 10.42
C GLU A 513 1.66 -27.59 11.73
N GLY A 514 1.33 -26.30 11.87
CA GLY A 514 0.54 -25.84 13.02
C GLY A 514 -0.19 -24.58 12.63
N HIS A 515 -0.87 -23.96 13.56
CA HIS A 515 -1.58 -22.75 13.28
C HIS A 515 -1.55 -21.87 14.50
N PHE A 516 -1.90 -20.60 14.31
CA PHE A 516 -1.91 -19.62 15.40
C PHE A 516 -3.29 -19.51 16.02
N GLU A 517 -3.35 -19.55 17.35
CA GLU A 517 -4.55 -19.26 18.12
C GLU A 517 -4.10 -18.22 19.12
N ASN A 518 -4.77 -17.08 19.13
CA ASN A 518 -4.40 -16.00 20.05
C ASN A 518 -2.96 -15.57 19.82
N GLY A 519 -2.46 -15.71 18.59
CA GLY A 519 -1.10 -15.33 18.31
C GLY A 519 -0.08 -16.35 18.71
N GLN A 520 -0.55 -17.48 19.25
CA GLN A 520 0.29 -18.55 19.72
C GLN A 520 0.25 -19.78 18.80
N TRP A 521 1.42 -20.36 18.61
CA TRP A 521 1.55 -21.56 17.77
C TRP A 521 0.99 -22.79 18.41
N VAL A 522 0.22 -23.55 17.63
CA VAL A 522 -0.38 -24.77 18.11
C VAL A 522 -0.02 -25.87 17.11
N PHE A 523 0.53 -26.96 17.60
CA PHE A 523 0.95 -28.09 16.74
C PHE A 523 -0.28 -28.80 16.13
N ASP A 524 -0.22 -29.10 14.84
CA ASP A 524 -1.18 -29.97 14.20
C ASP A 524 -0.57 -31.35 13.85
N ARG A 525 0.54 -31.35 13.11
CA ARG A 525 1.13 -32.61 12.64
C ARG A 525 2.54 -32.41 12.06
N LEU A 526 3.25 -33.50 11.85
CA LEU A 526 4.48 -33.46 11.04
C LEU A 526 4.11 -33.87 9.62
N TRP A 527 4.76 -33.22 8.64
CA TRP A 527 4.79 -33.68 7.25
C TRP A 527 6.00 -34.52 7.06
N ASN A 528 5.83 -35.60 6.32
CA ASN A 528 6.93 -36.50 5.99
C ASN A 528 6.51 -37.30 4.78
N GLY A 529 7.42 -38.16 4.30
CA GLY A 529 7.12 -39.10 3.19
C GLY A 529 6.71 -38.35 1.94
N ASP A 530 5.60 -38.75 1.33
CA ASP A 530 5.13 -38.06 0.12
C ASP A 530 5.01 -36.54 0.32
N GLN A 531 4.61 -36.12 1.51
CA GLN A 531 4.40 -34.70 1.74
C GLN A 531 5.65 -33.85 1.74
N THR A 532 6.83 -34.49 1.83
CA THR A 532 8.06 -33.73 1.83
C THR A 532 9.07 -34.23 0.79
N ASP A 533 8.77 -35.32 0.10
CA ASP A 533 9.69 -35.84 -0.93
C ASP A 533 9.90 -34.94 -2.15
N TYR A 534 8.95 -34.05 -2.41
CA TYR A 534 8.91 -33.27 -3.66
C TYR A 534 8.72 -31.82 -3.29
N GLY A 535 9.47 -31.37 -2.29
CA GLY A 535 9.32 -30.04 -1.77
C GLY A 535 8.07 -29.97 -0.91
N LEU A 536 7.74 -28.76 -0.50
CA LEU A 536 6.55 -28.46 0.26
C LEU A 536 5.48 -27.86 -0.65
N ASN A 537 4.44 -28.64 -0.93
CA ASN A 537 3.42 -28.22 -1.91
C ASN A 537 2.16 -27.69 -1.20
N PHE A 538 1.94 -26.40 -1.44
CA PHE A 538 0.80 -25.67 -0.91
C PHE A 538 -0.22 -25.56 -2.01
N THR A 539 -1.45 -25.94 -1.68
CA THR A 539 -2.54 -25.86 -2.59
C THR A 539 -3.40 -24.66 -2.20
N GLY A 540 -4.73 -24.78 -2.26
CA GLY A 540 -5.62 -23.63 -2.21
C GLY A 540 -6.12 -23.19 -0.84
N GLY A 541 -5.79 -23.94 0.19
CA GLY A 541 -6.26 -23.73 1.52
C GLY A 541 -5.21 -23.05 2.34
N SER A 542 -5.25 -23.27 3.66
CA SER A 542 -4.38 -22.50 4.60
C SER A 542 -3.51 -23.48 5.35
N GLN A 543 -2.24 -23.52 5.01
CA GLN A 543 -1.25 -24.27 5.79
C GLN A 543 -0.02 -23.44 6.11
N ILE A 544 0.52 -23.60 7.33
CA ILE A 544 1.74 -22.93 7.77
C ILE A 544 2.70 -23.97 8.35
N LEU A 545 3.99 -23.92 8.00
CA LEU A 545 4.97 -24.95 8.41
C LEU A 545 6.15 -24.31 9.10
N ARG A 546 6.72 -25.02 10.09
CA ARG A 546 8.00 -24.70 10.66
C ARG A 546 8.96 -25.77 10.22
N VAL A 547 9.99 -25.37 9.52
CA VAL A 547 10.88 -26.30 8.84
C VAL A 547 12.27 -26.19 9.46
N LYS A 548 12.83 -27.32 9.92
CA LYS A 548 14.21 -27.40 10.34
C LYS A 548 15.08 -28.10 9.29
N LEU A 549 16.15 -27.43 8.87
CA LEU A 549 17.08 -27.98 7.89
C LEU A 549 18.32 -28.55 8.64
N ALA A 550 18.97 -29.55 8.08
CA ALA A 550 20.18 -30.07 8.68
C ALA A 550 21.04 -30.69 7.62
N THR A 551 22.35 -30.63 7.86
CA THR A 551 23.28 -31.51 7.17
C THR A 551 23.45 -32.82 7.99
N TYR A 552 23.81 -33.90 7.30
CA TYR A 552 24.11 -35.17 7.98
C TYR A 552 25.45 -35.74 7.51
C ACY B . -15.55 9.97 24.06
O ACY B . -16.45 9.42 24.73
OXT ACY B . -14.48 9.37 23.80
CH3 ACY B . -15.77 11.37 23.54
C ACY C . -4.81 -30.62 16.96
O ACY C . -4.29 -29.61 16.45
OXT ACY C . -4.20 -31.35 17.78
CH3 ACY C . -6.22 -30.98 16.59
#